data_5C8X
#
_entry.id   5C8X
#
_cell.length_a   74.580
_cell.length_b   89.030
_cell.length_c   113.130
_cell.angle_alpha   90.00
_cell.angle_beta   90.00
_cell.angle_gamma   90.00
#
_symmetry.space_group_name_H-M   'P 21 21 21'
#
loop_
_entity.id
_entity.type
_entity.pdbx_description
1 polymer 'Zearalenone hydrolase'
2 non-polymer (1E,10S)-1-(3,5-dihydroxyphenyl)-10-hydroxyundec-1-en-6-one
3 non-polymer GLYCEROL
4 non-polymer 'POTASSIUM ION'
5 water water
#
_entity_poly.entity_id   1
_entity_poly.type   'polypeptide(L)'
_entity_poly.pdbx_seq_one_letter_code
;MRTRSTISTPNGITWYYEQEGTGPDIVLVPDGLGECQMFDSSVSQIAAQGFRVTTFDMPGMSRSAKAPAETYTEVTAQKL
ASYVISILDALDIKHATVWGCSSGASTVVALLLGYPDRIRNAMCHELPTKLLDHLSNTAVLEDEEISNILANVMLNDVSG
GSEAWQALGVEVHARLHKNYPVWARGYPRTIPPSAPVQDVEALRGKPLDWTVGAATPTESFFDNIVTATKAGVNIGLLPG
MHFPYVSHPDVFAKYVVETTQKHLWNSSSVDKLAAALEHHHHHH
;
_entity_poly.pdbx_strand_id   A,B
#
loop_
_chem_comp.id
_chem_comp.type
_chem_comp.name
_chem_comp.formula
GOL non-polymer GLYCEROL 'C3 H8 O3'
K non-polymer 'POTASSIUM ION' 'K 1'
ZFR non-polymer (1E,10S)-1-(3,5-dihydroxyphenyl)-10-hydroxyundec-1-en-6-one 'C17 H24 O4'
#
# COMPACT_ATOMS: atom_id res chain seq x y z
N ARG A 2 23.36 16.73 24.17
CA ARG A 2 23.01 15.29 24.08
C ARG A 2 23.73 14.51 25.17
N THR A 3 22.96 13.81 26.01
CA THR A 3 23.54 12.88 26.97
C THR A 3 23.72 11.54 26.30
N ARG A 4 24.92 10.98 26.38
CA ARG A 4 25.17 9.64 25.84
C ARG A 4 25.76 8.83 26.97
N SER A 5 25.04 7.79 27.39
CA SER A 5 25.44 7.08 28.62
C SER A 5 24.94 5.65 28.63
N THR A 6 25.08 4.98 29.77
CA THR A 6 24.61 3.61 29.92
C THR A 6 23.81 3.48 31.21
N ILE A 7 22.96 2.48 31.29
CA ILE A 7 22.20 2.23 32.50
C ILE A 7 21.88 0.75 32.54
N SER A 8 21.98 0.17 33.74
CA SER A 8 21.80 -1.26 33.90
C SER A 8 20.46 -1.55 34.56
N THR A 9 19.67 -2.42 33.95
CA THR A 9 18.37 -2.81 34.49
C THR A 9 18.44 -4.21 35.11
N PRO A 10 17.59 -4.49 36.10
CA PRO A 10 17.73 -5.74 36.86
C PRO A 10 17.39 -7.00 36.06
N ASN A 11 16.95 -6.88 34.82
CA ASN A 11 16.78 -8.03 33.95
C ASN A 11 18.09 -8.42 33.25
N GLY A 12 19.18 -7.77 33.65
CA GLY A 12 20.50 -8.15 33.21
C GLY A 12 21.05 -7.36 32.03
N ILE A 13 20.26 -6.44 31.51
CA ILE A 13 20.66 -5.64 30.36
C ILE A 13 21.42 -4.40 30.80
N THR A 14 22.55 -4.13 30.15
CA THR A 14 23.19 -2.83 30.27
C THR A 14 22.94 -2.11 28.96
N TRP A 15 22.12 -1.08 29.04
CA TRP A 15 21.69 -0.31 27.88
C TRP A 15 22.64 0.80 27.54
N TYR A 16 22.88 1.01 26.25
CA TYR A 16 23.39 2.28 25.77
C TYR A 16 22.19 3.18 25.44
N TYR A 17 22.16 4.40 25.95
CA TYR A 17 21.04 5.29 25.64
C TYR A 17 21.49 6.73 25.43
N GLU A 18 20.63 7.51 24.79
CA GLU A 18 20.87 8.94 24.58
C GLU A 18 19.64 9.71 25.01
N GLN A 19 19.86 10.94 25.49
CA GLN A 19 18.76 11.82 25.90
C GLN A 19 19.11 13.22 25.53
N GLU A 20 18.10 13.98 25.12
CA GLU A 20 18.30 15.39 24.82
C GLU A 20 17.00 16.14 25.09
N GLY A 21 17.11 17.32 25.68
CA GLY A 21 15.97 18.18 25.84
C GLY A 21 15.28 18.12 27.20
N THR A 22 14.38 19.06 27.44
N THR A 22 14.36 19.05 27.40
CA THR A 22 13.56 19.02 28.64
CA THR A 22 13.56 19.16 28.62
C THR A 22 12.11 19.24 28.24
C THR A 22 12.09 19.31 28.25
N GLY A 23 11.20 18.61 28.97
CA GLY A 23 9.78 18.69 28.67
C GLY A 23 9.15 17.32 28.70
N PRO A 24 7.92 17.19 28.19
CA PRO A 24 7.23 15.88 28.11
C PRO A 24 8.14 14.85 27.46
N ASP A 25 8.06 13.61 27.92
CA ASP A 25 8.94 12.59 27.39
C ASP A 25 8.45 12.00 26.08
N ILE A 26 9.36 11.90 25.12
CA ILE A 26 9.16 11.19 23.87
C ILE A 26 10.26 10.17 23.77
N VAL A 27 9.88 8.92 23.51
CA VAL A 27 10.83 7.81 23.48
C VAL A 27 10.82 7.18 22.09
N LEU A 28 12.00 7.07 21.48
CA LEU A 28 12.14 6.53 20.13
C LEU A 28 12.70 5.12 20.19
N VAL A 29 11.85 4.13 19.93
CA VAL A 29 12.26 2.72 19.97
C VAL A 29 12.75 2.30 18.59
N PRO A 30 13.98 1.76 18.50
CA PRO A 30 14.49 1.32 17.19
C PRO A 30 13.67 0.21 16.57
N ASP A 31 13.85 0.07 15.27
CA ASP A 31 13.43 -1.13 14.55
C ASP A 31 14.25 -2.33 15.02
N GLY A 32 14.03 -3.49 14.39
CA GLY A 32 14.70 -4.72 14.79
C GLY A 32 16.21 -4.63 14.80
N LEU A 33 16.79 -3.76 13.97
CA LEU A 33 18.25 -3.67 13.92
C LEU A 33 18.81 -3.01 15.19
N GLY A 34 17.95 -2.34 15.95
CA GLY A 34 18.27 -1.95 17.32
C GLY A 34 19.32 -0.85 17.47
N GLU A 35 19.48 -0.03 16.43
CA GLU A 35 20.58 0.92 16.34
C GLU A 35 20.05 2.37 16.45
N CYS A 36 20.29 3.03 17.59
CA CYS A 36 19.61 4.31 17.79
C CYS A 36 20.30 5.51 17.15
N GLN A 37 21.49 5.32 16.57
N GLN A 37 21.48 5.32 16.56
CA GLN A 37 22.10 6.45 15.86
CA GLN A 37 22.11 6.46 15.86
C GLN A 37 21.23 6.84 14.66
C GLN A 37 21.30 6.79 14.60
N MET A 38 20.40 5.91 14.22
CA MET A 38 19.46 6.22 13.13
C MET A 38 18.53 7.41 13.45
N PHE A 39 18.36 7.70 14.74
CA PHE A 39 17.53 8.80 15.19
C PHE A 39 18.28 10.11 15.43
N ASP A 40 19.60 10.12 15.22
CA ASP A 40 20.46 11.23 15.63
C ASP A 40 19.93 12.60 15.21
N SER A 41 19.67 12.77 13.92
CA SER A 41 19.17 14.07 13.45
C SER A 41 17.83 14.44 14.07
N SER A 42 16.93 13.47 14.10
CA SER A 42 15.57 13.72 14.56
C SER A 42 15.51 14.00 16.06
N VAL A 43 16.38 13.37 16.84
CA VAL A 43 16.39 13.61 18.29
C VAL A 43 16.59 15.10 18.60
N SER A 44 17.53 15.73 17.91
CA SER A 44 17.79 17.15 18.13
C SER A 44 16.61 18.02 17.67
N GLN A 45 16.03 17.68 16.53
CA GLN A 45 14.91 18.46 16.00
C GLN A 45 13.69 18.37 16.91
N ILE A 46 13.43 17.17 17.42
CA ILE A 46 12.28 16.97 18.31
C ILE A 46 12.52 17.65 19.66
N ALA A 47 13.72 17.48 20.23
CA ALA A 47 14.00 18.05 21.55
C ALA A 47 13.90 19.58 21.52
N ALA A 48 14.28 20.17 20.39
CA ALA A 48 14.27 21.63 20.25
C ALA A 48 12.87 22.22 20.36
N GLN A 49 11.85 21.37 20.22
CA GLN A 49 10.48 21.83 20.28
C GLN A 49 9.88 21.73 21.69
N GLY A 50 10.74 21.45 22.67
CA GLY A 50 10.33 21.42 24.06
C GLY A 50 9.95 20.05 24.61
N PHE A 51 10.73 19.04 24.23
CA PHE A 51 10.51 17.68 24.71
C PHE A 51 11.81 17.10 25.22
N ARG A 52 11.72 16.19 26.19
CA ARG A 52 12.86 15.35 26.53
C ARG A 52 12.76 14.09 25.69
N VAL A 53 13.72 13.91 24.80
CA VAL A 53 13.73 12.77 23.89
C VAL A 53 14.72 11.73 24.38
N THR A 54 14.28 10.48 24.46
CA THR A 54 15.13 9.38 24.90
C THR A 54 15.13 8.30 23.82
N THR A 55 16.30 7.76 23.54
CA THR A 55 16.38 6.60 22.66
C THR A 55 17.50 5.70 23.16
N PHE A 56 17.63 4.51 22.59
CA PHE A 56 18.57 3.53 23.10
C PHE A 56 18.80 2.44 22.07
N ASP A 57 19.96 1.80 22.13
CA ASP A 57 20.18 0.58 21.36
C ASP A 57 19.41 -0.57 22.01
N MET A 58 18.92 -1.51 21.21
CA MET A 58 18.08 -2.57 21.77
C MET A 58 18.93 -3.72 22.29
N PRO A 59 18.37 -4.54 23.19
CA PRO A 59 19.21 -5.56 23.86
C PRO A 59 19.86 -6.50 22.87
N GLY A 60 21.17 -6.70 23.03
CA GLY A 60 21.92 -7.59 22.16
C GLY A 60 22.43 -6.91 20.91
N MET A 61 22.00 -5.67 20.69
CA MET A 61 22.33 -4.93 19.45
C MET A 61 23.28 -3.79 19.74
N SER A 62 24.20 -3.55 18.82
CA SER A 62 25.06 -2.37 18.87
C SER A 62 25.67 -2.18 20.26
N ARG A 63 25.45 -1.03 20.89
CA ARG A 63 26.13 -0.75 22.14
C ARG A 63 25.35 -1.24 23.37
N SER A 64 24.20 -1.88 23.15
CA SER A 64 23.45 -2.54 24.23
C SER A 64 23.66 -4.05 24.19
N ALA A 65 24.83 -4.47 23.75
CA ALA A 65 25.12 -5.89 23.55
C ALA A 65 25.34 -6.68 24.85
N LYS A 66 25.60 -5.97 25.95
CA LYS A 66 25.74 -6.64 27.26
C LYS A 66 24.37 -6.96 27.82
N ALA A 67 23.86 -8.13 27.47
CA ALA A 67 22.51 -8.52 27.82
C ALA A 67 22.42 -10.04 27.77
N PRO A 68 21.52 -10.62 28.57
CA PRO A 68 21.33 -12.07 28.60
C PRO A 68 20.77 -12.59 27.27
N ALA A 69 21.10 -13.83 26.92
CA ALA A 69 20.70 -14.38 25.63
C ALA A 69 19.18 -14.38 25.43
N GLU A 70 18.44 -14.50 26.52
N GLU A 70 18.42 -14.48 26.52
CA GLU A 70 16.98 -14.46 26.48
CA GLU A 70 16.97 -14.51 26.37
C GLU A 70 16.45 -13.21 25.79
C GLU A 70 16.40 -13.20 25.85
N THR A 71 17.16 -12.11 25.97
CA THR A 71 16.66 -10.81 25.52
C THR A 71 16.85 -10.58 24.01
N TYR A 72 17.63 -11.42 23.34
CA TYR A 72 17.79 -11.28 21.89
C TYR A 72 17.61 -12.60 21.14
N THR A 73 17.00 -13.56 21.79
CA THR A 73 16.59 -14.80 21.13
C THR A 73 15.12 -15.04 21.42
N GLU A 74 14.42 -15.68 20.48
CA GLU A 74 12.99 -15.92 20.63
C GLU A 74 12.27 -14.65 21.05
N VAL A 75 12.56 -13.58 20.32
CA VAL A 75 12.09 -12.26 20.70
C VAL A 75 10.63 -12.04 20.29
N THR A 76 9.85 -11.49 21.20
CA THR A 76 8.45 -11.18 20.97
C THR A 76 8.17 -9.74 21.32
N ALA A 77 7.05 -9.22 20.85
CA ALA A 77 6.63 -7.87 21.18
C ALA A 77 6.50 -7.68 22.70
N GLN A 78 6.02 -8.72 23.36
CA GLN A 78 5.77 -8.67 24.80
C GLN A 78 7.10 -8.64 25.59
N LYS A 79 8.08 -9.42 25.14
CA LYS A 79 9.41 -9.34 25.74
C LYS A 79 10.01 -7.97 25.55
N LEU A 80 9.98 -7.45 24.33
CA LEU A 80 10.56 -6.14 24.07
C LEU A 80 9.86 -5.05 24.88
N ALA A 81 8.54 -5.13 24.98
CA ALA A 81 7.82 -4.14 25.77
C ALA A 81 8.26 -4.19 27.24
N SER A 82 8.42 -5.39 27.79
CA SER A 82 8.89 -5.50 29.15
C SER A 82 10.29 -4.89 29.31
N TYR A 83 11.14 -5.03 28.30
CA TYR A 83 12.49 -4.43 28.41
C TYR A 83 12.43 -2.91 28.33
N VAL A 84 11.61 -2.38 27.42
CA VAL A 84 11.49 -0.93 27.31
C VAL A 84 10.94 -0.35 28.62
N ILE A 85 9.93 -1.01 29.20
CA ILE A 85 9.44 -0.54 30.49
C ILE A 85 10.55 -0.53 31.54
N SER A 86 11.43 -1.51 31.50
CA SER A 86 12.51 -1.57 32.50
C SER A 86 13.45 -0.37 32.35
N ILE A 87 13.78 0.04 31.13
CA ILE A 87 14.68 1.19 31.03
C ILE A 87 13.93 2.50 31.31
N LEU A 88 12.63 2.56 30.98
CA LEU A 88 11.87 3.76 31.37
C LEU A 88 11.83 3.89 32.89
N ASP A 89 11.61 2.77 33.57
CA ASP A 89 11.67 2.77 35.04
C ASP A 89 13.03 3.28 35.55
N ALA A 90 14.10 2.76 34.96
CA ALA A 90 15.45 3.08 35.42
C ALA A 90 15.78 4.56 35.19
N LEU A 91 15.22 5.14 34.14
CA LEU A 91 15.41 6.56 33.81
C LEU A 91 14.34 7.46 34.45
N ASP A 92 13.50 6.87 35.29
CA ASP A 92 12.39 7.57 35.95
C ASP A 92 11.52 8.35 34.96
N ILE A 93 11.19 7.69 33.86
CA ILE A 93 10.27 8.25 32.87
C ILE A 93 8.91 7.63 33.15
N LYS A 94 8.05 8.42 33.79
N LYS A 94 8.02 8.42 33.77
CA LYS A 94 6.77 7.94 34.30
CA LYS A 94 6.73 7.89 34.20
C LYS A 94 5.70 7.87 33.22
C LYS A 94 5.69 7.85 33.07
N HIS A 95 5.66 8.89 32.38
N HIS A 95 5.67 8.90 32.25
CA HIS A 95 4.71 8.94 31.27
CA HIS A 95 4.63 9.04 31.24
C HIS A 95 5.48 9.24 30.00
C HIS A 95 5.23 9.42 29.89
N ALA A 96 5.17 8.52 28.93
CA ALA A 96 5.89 8.72 27.68
C ALA A 96 5.05 8.58 26.44
N THR A 97 5.37 9.42 25.45
CA THR A 97 4.97 9.19 24.08
C THR A 97 6.02 8.26 23.48
N VAL A 98 5.59 7.27 22.71
CA VAL A 98 6.55 6.33 22.15
C VAL A 98 6.36 6.20 20.64
N TRP A 99 7.48 6.00 19.95
CA TRP A 99 7.52 5.74 18.52
C TRP A 99 8.16 4.38 18.33
N GLY A 100 7.66 3.59 17.39
CA GLY A 100 8.42 2.40 17.00
C GLY A 100 8.07 1.93 15.60
N CYS A 101 9.08 1.44 14.88
CA CYS A 101 8.90 0.83 13.57
C CYS A 101 9.24 -0.66 13.61
N SER A 102 8.50 -1.46 12.84
CA SER A 102 8.80 -2.88 12.66
C SER A 102 8.64 -3.62 13.99
N SER A 103 9.65 -4.37 14.45
CA SER A 103 9.54 -4.95 15.79
C SER A 103 9.30 -3.86 16.85
N GLY A 104 9.83 -2.67 16.59
CA GLY A 104 9.60 -1.52 17.45
C GLY A 104 8.13 -1.11 17.45
N ALA A 105 7.47 -1.27 16.31
CA ALA A 105 6.03 -0.99 16.22
C ALA A 105 5.24 -1.99 17.05
N SER A 106 5.60 -3.27 16.94
CA SER A 106 4.95 -4.29 17.75
C SER A 106 5.13 -3.97 19.23
N THR A 107 6.34 -3.53 19.56
CA THR A 107 6.70 -3.17 20.93
C THR A 107 5.85 -2.02 21.47
N VAL A 108 5.70 -0.94 20.70
CA VAL A 108 4.98 0.19 21.27
C VAL A 108 3.47 -0.07 21.37
N VAL A 109 2.92 -0.92 20.51
CA VAL A 109 1.51 -1.26 20.65
C VAL A 109 1.34 -2.16 21.88
N ALA A 110 2.26 -3.10 22.08
CA ALA A 110 2.24 -3.91 23.30
C ALA A 110 2.39 -3.02 24.54
N LEU A 111 3.21 -1.99 24.45
CA LEU A 111 3.39 -1.05 25.56
C LEU A 111 2.10 -0.32 25.88
N LEU A 112 1.47 0.22 24.84
CA LEU A 112 0.23 0.98 25.03
C LEU A 112 -0.86 0.11 25.67
N LEU A 113 -1.00 -1.11 25.16
CA LEU A 113 -2.06 -2.00 25.66
C LEU A 113 -1.73 -2.51 27.06
N GLY A 114 -0.45 -2.82 27.29
CA GLY A 114 -0.07 -3.48 28.53
C GLY A 114 0.18 -2.53 29.68
N TYR A 115 0.59 -1.31 29.36
CA TYR A 115 0.94 -0.32 30.37
C TYR A 115 0.28 1.02 30.08
N PRO A 116 -1.07 1.05 30.06
CA PRO A 116 -1.80 2.25 29.63
C PRO A 116 -1.50 3.48 30.48
N ASP A 117 -1.19 3.28 31.75
CA ASP A 117 -0.89 4.39 32.64
C ASP A 117 0.46 5.05 32.32
N ARG A 118 1.31 4.32 31.60
CA ARG A 118 2.67 4.79 31.32
C ARG A 118 2.78 5.45 29.95
N ILE A 119 1.83 5.16 29.07
CA ILE A 119 1.96 5.56 27.66
C ILE A 119 0.92 6.61 27.27
N ARG A 120 1.40 7.83 27.00
CA ARG A 120 0.54 8.93 26.58
C ARG A 120 -0.10 8.66 25.23
N ASN A 121 0.72 8.22 24.28
CA ASN A 121 0.27 7.85 22.95
C ASN A 121 1.39 7.08 22.26
N ALA A 122 1.02 6.27 21.28
CA ALA A 122 2.01 5.48 20.55
C ALA A 122 1.87 5.72 19.05
N MET A 123 3.02 5.86 18.39
CA MET A 123 3.11 5.91 16.94
C MET A 123 3.75 4.63 16.48
N CYS A 124 3.03 3.85 15.66
CA CYS A 124 3.60 2.62 15.13
C CYS A 124 3.74 2.73 13.62
N HIS A 125 4.81 2.17 13.09
CA HIS A 125 5.13 2.23 11.66
C HIS A 125 5.46 0.85 11.16
N GLU A 126 4.74 0.41 10.12
CA GLU A 126 5.02 -0.86 9.43
C GLU A 126 5.27 -2.00 10.40
N LEU A 127 4.17 -2.45 11.00
CA LEU A 127 4.21 -3.50 12.03
C LEU A 127 4.07 -4.88 11.38
N PRO A 128 5.06 -5.76 11.56
CA PRO A 128 4.99 -7.04 10.86
C PRO A 128 4.05 -8.04 11.55
N THR A 129 3.08 -8.55 10.82
CA THR A 129 2.12 -9.49 11.40
C THR A 129 2.16 -10.84 10.72
N LYS A 130 2.94 -10.96 9.65
CA LYS A 130 3.00 -12.23 8.91
C LYS A 130 4.41 -12.80 8.85
N LEU A 131 4.51 -14.11 9.01
CA LEU A 131 5.79 -14.78 8.83
C LEU A 131 6.21 -14.68 7.37
N LEU A 132 7.48 -14.34 7.15
CA LEU A 132 8.06 -14.33 5.80
C LEU A 132 9.18 -15.37 5.76
N ASP A 133 8.96 -16.46 5.04
CA ASP A 133 9.92 -17.55 5.02
C ASP A 133 11.29 -17.10 4.52
N HIS A 134 11.33 -16.18 3.57
CA HIS A 134 12.63 -15.77 3.02
C HIS A 134 13.49 -15.04 4.06
N LEU A 135 12.84 -14.39 5.02
CA LEU A 135 13.58 -13.76 6.13
C LEU A 135 13.90 -14.78 7.21
N SER A 136 12.89 -15.56 7.58
CA SER A 136 13.07 -16.59 8.60
C SER A 136 14.19 -17.54 8.23
N ASN A 137 14.30 -17.85 6.94
CA ASN A 137 15.30 -18.83 6.48
C ASN A 137 16.74 -18.35 6.61
N THR A 138 16.95 -17.04 6.75
CA THR A 138 18.31 -16.54 6.90
C THR A 138 18.90 -16.98 8.25
N ALA A 139 18.05 -17.36 9.19
CA ALA A 139 18.49 -17.73 10.53
C ALA A 139 19.44 -18.92 10.55
N VAL A 140 19.40 -19.75 9.50
CA VAL A 140 20.22 -20.95 9.47
C VAL A 140 21.52 -20.78 8.69
N LEU A 141 21.78 -19.58 8.18
CA LEU A 141 23.00 -19.32 7.42
C LEU A 141 24.16 -18.92 8.33
N GLU A 142 25.38 -18.90 7.79
CA GLU A 142 26.54 -18.43 8.55
C GLU A 142 26.42 -16.92 8.77
N ASP A 143 27.07 -16.41 9.82
CA ASP A 143 26.98 -14.97 10.15
C ASP A 143 27.28 -14.06 8.96
N GLU A 144 28.37 -14.33 8.26
CA GLU A 144 28.81 -13.45 7.19
C GLU A 144 27.82 -13.39 6.02
N GLU A 145 27.23 -14.53 5.67
N GLU A 145 27.22 -14.52 5.66
CA GLU A 145 26.23 -14.54 4.61
CA GLU A 145 26.24 -14.51 4.59
C GLU A 145 24.99 -13.74 5.04
C GLU A 145 24.94 -13.79 5.02
N ILE A 146 24.58 -13.91 6.30
CA ILE A 146 23.42 -13.16 6.80
C ILE A 146 23.69 -11.65 6.69
N SER A 147 24.85 -11.21 7.16
CA SER A 147 25.18 -9.79 7.10
C SER A 147 25.21 -9.29 5.65
N ASN A 148 25.83 -10.06 4.76
N ASN A 148 25.82 -10.07 4.76
CA ASN A 148 25.87 -9.67 3.34
CA ASN A 148 25.88 -9.68 3.35
C ASN A 148 24.48 -9.54 2.72
C ASN A 148 24.49 -9.55 2.73
N ILE A 149 23.64 -10.55 2.96
CA ILE A 149 22.29 -10.54 2.42
C ILE A 149 21.45 -9.38 2.98
N LEU A 150 21.44 -9.23 4.29
CA LEU A 150 20.56 -8.25 4.89
C LEU A 150 21.06 -6.81 4.67
N ALA A 151 22.38 -6.61 4.64
CA ALA A 151 22.90 -5.27 4.33
C ALA A 151 22.43 -4.83 2.95
N ASN A 152 22.39 -5.79 2.02
N ASN A 152 22.37 -5.78 2.02
CA ASN A 152 21.93 -5.52 0.66
CA ASN A 152 21.92 -5.45 0.66
C ASN A 152 20.43 -5.20 0.63
C ASN A 152 20.42 -5.21 0.61
N VAL A 153 19.66 -5.99 1.36
CA VAL A 153 18.22 -5.78 1.45
C VAL A 153 17.92 -4.40 2.03
N MET A 154 18.61 -4.04 3.10
CA MET A 154 18.35 -2.73 3.69
C MET A 154 18.68 -1.63 2.70
N LEU A 155 19.88 -1.67 2.11
CA LEU A 155 20.34 -0.63 1.21
C LEU A 155 19.44 -0.49 -0.03
N ASN A 156 19.17 -1.60 -0.69
CA ASN A 156 18.55 -1.59 -2.00
C ASN A 156 17.05 -1.82 -2.04
N ASP A 157 16.48 -2.41 -0.99
CA ASP A 157 15.06 -2.75 -1.02
C ASP A 157 14.17 -1.92 -0.12
N VAL A 158 14.60 -1.63 1.10
CA VAL A 158 13.65 -1.05 2.06
C VAL A 158 14.09 0.23 2.76
N SER A 159 15.29 0.72 2.44
CA SER A 159 15.80 1.94 3.09
C SER A 159 14.91 3.14 2.84
N GLY A 160 14.30 3.18 1.66
CA GLY A 160 13.50 4.32 1.25
C GLY A 160 14.36 5.51 0.86
N GLY A 161 15.67 5.28 0.74
CA GLY A 161 16.59 6.35 0.41
C GLY A 161 18.03 5.88 0.55
N SER A 162 18.60 5.39 -0.54
CA SER A 162 19.90 4.73 -0.46
C SER A 162 21.02 5.67 -0.04
N GLU A 163 20.97 6.91 -0.49
N GLU A 163 20.98 6.91 -0.50
CA GLU A 163 22.01 7.88 -0.16
CA GLU A 163 22.03 7.86 -0.15
C GLU A 163 22.01 8.20 1.33
C GLU A 163 22.00 8.13 1.36
N ALA A 164 20.82 8.39 1.89
CA ALA A 164 20.66 8.64 3.32
C ALA A 164 21.10 7.42 4.13
N TRP A 165 20.76 6.24 3.63
CA TRP A 165 21.17 4.99 4.29
C TRP A 165 22.69 4.89 4.34
N GLN A 166 23.35 5.10 3.21
CA GLN A 166 24.81 5.05 3.16
C GLN A 166 25.42 6.09 4.10
N ALA A 167 24.78 7.26 4.18
CA ALA A 167 25.33 8.38 4.93
C ALA A 167 25.24 8.20 6.46
N LEU A 168 24.62 7.10 6.91
CA LEU A 168 24.72 6.73 8.32
C LEU A 168 26.18 6.59 8.74
N GLY A 169 27.03 6.21 7.79
CA GLY A 169 28.47 6.23 8.01
C GLY A 169 29.07 4.90 8.36
N VAL A 170 30.40 4.81 8.30
CA VAL A 170 31.07 3.52 8.46
C VAL A 170 30.92 2.90 9.84
N GLU A 171 30.91 3.73 10.88
N GLU A 171 30.91 3.72 10.89
CA GLU A 171 30.77 3.22 12.25
CA GLU A 171 30.79 3.19 12.25
C GLU A 171 29.42 2.57 12.48
C GLU A 171 29.41 2.57 12.50
N VAL A 172 28.36 3.23 12.02
CA VAL A 172 27.01 2.67 12.14
C VAL A 172 26.90 1.38 11.35
N HIS A 173 27.43 1.36 10.13
CA HIS A 173 27.25 0.15 9.33
C HIS A 173 28.11 -0.99 9.86
N ALA A 174 29.21 -0.66 10.54
CA ALA A 174 30.01 -1.69 11.21
C ALA A 174 29.23 -2.30 12.37
N ARG A 175 28.49 -1.49 13.10
CA ARG A 175 27.64 -2.02 14.16
C ARG A 175 26.48 -2.86 13.58
N LEU A 176 25.87 -2.37 12.51
CA LEU A 176 24.76 -3.11 11.91
C LEU A 176 25.24 -4.45 11.39
N HIS A 177 26.45 -4.47 10.83
CA HIS A 177 27.06 -5.71 10.34
C HIS A 177 27.00 -6.80 11.40
N LYS A 178 27.30 -6.44 12.65
CA LYS A 178 27.26 -7.41 13.75
C LYS A 178 25.83 -7.72 14.18
N ASN A 179 24.92 -6.76 14.04
CA ASN A 179 23.54 -6.96 14.46
C ASN A 179 22.75 -7.90 13.55
N TYR A 180 23.10 -7.94 12.26
CA TYR A 180 22.24 -8.66 11.31
C TYR A 180 22.03 -10.14 11.70
N PRO A 181 23.11 -10.86 12.06
CA PRO A 181 22.87 -12.25 12.46
C PRO A 181 22.11 -12.38 13.77
N VAL A 182 22.31 -11.44 14.70
CA VAL A 182 21.57 -11.44 15.96
C VAL A 182 20.07 -11.27 15.66
N TRP A 183 19.76 -10.28 14.84
CA TRP A 183 18.37 -10.05 14.43
C TRP A 183 17.81 -11.29 13.72
N ALA A 184 18.55 -11.83 12.77
CA ALA A 184 18.04 -12.96 11.97
C ALA A 184 17.69 -14.18 12.84
N ARG A 185 18.54 -14.48 13.81
N ARG A 185 18.53 -14.48 13.83
CA ARG A 185 18.33 -15.68 14.62
CA ARG A 185 18.33 -15.69 14.63
C ARG A 185 17.24 -15.46 15.66
C ARG A 185 17.41 -15.46 15.82
N GLY A 186 17.06 -14.20 16.08
CA GLY A 186 16.21 -13.90 17.22
C GLY A 186 14.83 -13.34 16.93
N TYR A 187 14.63 -12.77 15.74
CA TYR A 187 13.43 -11.97 15.48
C TYR A 187 12.41 -12.51 14.47
N PRO A 188 12.81 -12.81 13.22
CA PRO A 188 11.76 -12.99 12.21
C PRO A 188 10.82 -14.19 12.44
N ARG A 189 11.28 -15.21 13.16
CA ARG A 189 10.44 -16.38 13.35
C ARG A 189 9.47 -16.21 14.52
N THR A 190 9.70 -15.22 15.38
CA THR A 190 8.90 -15.05 16.59
C THR A 190 8.20 -13.69 16.73
N ILE A 191 8.72 -12.66 16.08
CA ILE A 191 8.08 -11.33 16.18
C ILE A 191 6.68 -11.31 15.52
N PRO A 192 6.55 -11.81 14.27
CA PRO A 192 5.20 -11.64 13.67
C PRO A 192 4.05 -12.37 14.41
N PRO A 193 4.25 -13.60 14.88
CA PRO A 193 3.11 -14.21 15.59
C PRO A 193 2.76 -13.53 16.90
N SER A 194 3.68 -12.71 17.43
CA SER A 194 3.45 -12.03 18.69
C SER A 194 2.76 -10.68 18.49
N ALA A 195 2.43 -10.34 17.23
CA ALA A 195 1.83 -9.03 16.95
C ALA A 195 0.58 -8.80 17.79
N PRO A 196 0.55 -7.70 18.56
CA PRO A 196 -0.57 -7.45 19.45
C PRO A 196 -1.78 -6.85 18.73
N VAL A 197 -2.17 -7.46 17.61
CA VAL A 197 -3.27 -6.98 16.79
C VAL A 197 -4.38 -8.01 16.55
N GLN A 198 -4.39 -9.06 17.38
N GLN A 198 -4.45 -9.04 17.39
CA GLN A 198 -5.42 -10.09 17.34
CA GLN A 198 -5.46 -10.07 17.18
C GLN A 198 -6.80 -9.49 17.48
C GLN A 198 -6.85 -9.65 17.66
N ASP A 199 -6.90 -8.55 18.42
CA ASP A 199 -8.18 -8.04 18.88
C ASP A 199 -8.33 -6.59 18.47
N VAL A 200 -9.06 -6.38 17.38
CA VAL A 200 -9.28 -5.04 16.86
C VAL A 200 -10.02 -4.18 17.88
N GLU A 201 -10.92 -4.80 18.64
CA GLU A 201 -11.68 -4.06 19.65
C GLU A 201 -10.78 -3.57 20.79
N ALA A 202 -9.62 -4.21 21.00
CA ALA A 202 -8.71 -3.77 22.04
C ALA A 202 -8.00 -2.50 21.60
N LEU A 203 -7.87 -2.33 20.29
CA LEU A 203 -7.23 -1.14 19.74
C LEU A 203 -8.19 0.06 19.63
N ARG A 204 -9.50 -0.21 19.59
CA ARG A 204 -10.45 0.87 19.33
C ARG A 204 -10.42 1.93 20.44
N GLY A 205 -10.36 3.19 20.03
CA GLY A 205 -10.37 4.29 20.98
C GLY A 205 -9.04 4.57 21.66
N LYS A 206 -8.01 3.79 21.33
CA LYS A 206 -6.70 3.96 21.95
C LYS A 206 -5.91 5.09 21.28
N PRO A 207 -5.01 5.74 22.04
CA PRO A 207 -4.23 6.85 21.47
C PRO A 207 -3.08 6.31 20.63
N LEU A 208 -3.44 5.77 19.47
CA LEU A 208 -2.52 5.13 18.56
C LEU A 208 -2.57 5.84 17.21
N ASP A 209 -1.41 6.17 16.67
CA ASP A 209 -1.32 6.72 15.31
C ASP A 209 -0.41 5.82 14.49
N TRP A 210 -0.95 5.31 13.39
CA TRP A 210 -0.30 4.24 12.61
C TRP A 210 0.13 4.79 11.25
N THR A 211 1.34 4.43 10.82
CA THR A 211 1.80 4.83 9.49
C THR A 211 2.42 3.68 8.71
N VAL A 212 2.45 3.86 7.39
CA VAL A 212 3.13 2.99 6.46
C VAL A 212 3.93 3.92 5.55
N GLY A 213 5.01 3.43 4.95
CA GLY A 213 5.79 4.24 4.02
C GLY A 213 5.05 4.44 2.71
N ALA A 214 5.08 5.67 2.20
CA ALA A 214 4.38 6.00 0.96
C ALA A 214 4.91 5.22 -0.23
N ALA A 215 6.21 4.93 -0.24
CA ALA A 215 6.82 4.23 -1.37
C ALA A 215 6.90 2.72 -1.18
N THR A 216 6.56 2.27 0.01
CA THR A 216 6.53 0.83 0.30
C THR A 216 5.55 0.14 -0.62
N PRO A 217 5.95 -1.00 -1.21
CA PRO A 217 4.99 -1.75 -2.05
C PRO A 217 3.73 -2.06 -1.24
N THR A 218 2.56 -1.88 -1.85
CA THR A 218 1.30 -2.04 -1.14
C THR A 218 1.22 -3.37 -0.36
N GLU A 219 1.71 -4.46 -0.94
CA GLU A 219 1.56 -5.76 -0.29
C GLU A 219 2.29 -5.86 1.05
N SER A 220 3.34 -5.07 1.24
CA SER A 220 4.19 -5.28 2.42
C SER A 220 3.45 -5.03 3.73
N PHE A 221 2.68 -3.95 3.80
CA PHE A 221 1.96 -3.66 5.04
C PHE A 221 0.51 -3.35 4.77
N PHE A 222 0.00 -3.93 3.67
CA PHE A 222 -1.43 -3.91 3.38
C PHE A 222 -2.28 -4.22 4.62
N ASP A 223 -1.87 -5.25 5.37
CA ASP A 223 -2.62 -5.71 6.52
C ASP A 223 -2.74 -4.66 7.63
N ASN A 224 -1.69 -3.86 7.78
CA ASN A 224 -1.64 -2.71 8.70
C ASN A 224 -2.80 -1.74 8.41
N ILE A 225 -2.97 -1.41 7.14
CA ILE A 225 -3.98 -0.44 6.73
C ILE A 225 -5.39 -0.99 6.99
N VAL A 226 -5.60 -2.24 6.65
CA VAL A 226 -6.89 -2.88 6.93
C VAL A 226 -7.17 -2.94 8.43
N THR A 227 -6.18 -3.41 9.21
CA THR A 227 -6.40 -3.52 10.66
C THR A 227 -6.66 -2.16 11.33
N ALA A 228 -5.85 -1.16 10.98
CA ALA A 228 -6.02 0.16 11.56
C ALA A 228 -7.41 0.70 11.25
N THR A 229 -7.84 0.55 10.00
CA THR A 229 -9.15 1.05 9.60
C THR A 229 -10.28 0.33 10.34
N LYS A 230 -10.17 -0.99 10.48
CA LYS A 230 -11.19 -1.75 11.20
C LYS A 230 -11.34 -1.25 12.63
N ALA A 231 -10.21 -0.87 13.22
CA ALA A 231 -10.19 -0.46 14.62
C ALA A 231 -10.48 1.03 14.79
N GLY A 232 -10.66 1.74 13.68
CA GLY A 232 -10.92 3.17 13.74
C GLY A 232 -9.70 4.00 14.14
N VAL A 233 -8.53 3.40 14.02
CA VAL A 233 -7.28 4.05 14.39
C VAL A 233 -6.77 4.95 13.27
N ASN A 234 -6.22 6.11 13.62
N ASN A 234 -6.21 6.11 13.62
CA ASN A 234 -5.62 6.99 12.63
CA ASN A 234 -5.61 7.00 12.64
C ASN A 234 -4.55 6.24 11.85
C ASN A 234 -4.53 6.27 11.85
N ILE A 235 -4.66 6.27 10.53
CA ILE A 235 -3.71 5.55 9.68
C ILE A 235 -3.32 6.49 8.54
N GLY A 236 -2.03 6.59 8.28
CA GLY A 236 -1.55 7.53 7.30
C GLY A 236 -0.19 7.12 6.77
N LEU A 237 0.43 8.02 6.01
CA LEU A 237 1.68 7.70 5.34
C LEU A 237 2.80 8.68 5.71
N LEU A 238 4.01 8.15 5.77
CA LEU A 238 5.21 8.97 5.85
C LEU A 238 5.99 8.77 4.55
N PRO A 239 6.81 9.76 4.16
CA PRO A 239 7.58 9.55 2.93
C PRO A 239 8.58 8.42 3.10
N GLY A 240 8.98 7.80 1.99
CA GLY A 240 9.99 6.76 2.03
C GLY A 240 9.39 5.38 2.25
N MET A 241 10.14 4.53 2.96
CA MET A 241 9.71 3.16 3.16
C MET A 241 9.85 2.78 4.63
N HIS A 242 10.80 1.90 4.95
CA HIS A 242 10.84 1.30 6.28
C HIS A 242 11.59 2.14 7.33
N PHE A 243 12.35 3.14 6.89
CA PHE A 243 13.16 3.93 7.83
C PHE A 243 12.98 5.44 7.63
N PRO A 244 11.76 5.95 7.90
CA PRO A 244 11.52 7.37 7.64
C PRO A 244 12.43 8.29 8.44
N TYR A 245 12.85 7.85 9.62
CA TYR A 245 13.77 8.65 10.43
C TYR A 245 15.18 8.74 9.82
N VAL A 246 15.51 7.82 8.91
CA VAL A 246 16.77 7.91 8.19
C VAL A 246 16.57 8.65 6.86
N SER A 247 15.54 8.27 6.11
CA SER A 247 15.38 8.80 4.75
C SER A 247 14.88 10.24 4.74
N HIS A 248 14.02 10.56 5.71
CA HIS A 248 13.37 11.86 5.77
C HIS A 248 13.32 12.38 7.21
N PRO A 249 14.49 12.63 7.81
CA PRO A 249 14.54 12.94 9.25
C PRO A 249 13.72 14.17 9.67
N ASP A 250 13.65 15.18 8.80
CA ASP A 250 12.93 16.41 9.14
C ASP A 250 11.42 16.17 9.14
N VAL A 251 10.94 15.46 8.14
CA VAL A 251 9.51 15.13 8.07
C VAL A 251 9.14 14.20 9.22
N PHE A 252 10.01 13.24 9.48
CA PHE A 252 9.84 12.36 10.63
C PHE A 252 9.71 13.15 11.95
N ALA A 253 10.65 14.07 12.18
CA ALA A 253 10.63 14.82 13.44
C ALA A 253 9.37 15.65 13.53
N LYS A 254 8.97 16.26 12.42
CA LYS A 254 7.75 17.08 12.41
C LYS A 254 6.53 16.24 12.76
N TYR A 255 6.46 15.05 12.19
CA TYR A 255 5.37 14.13 12.48
C TYR A 255 5.33 13.77 13.98
N VAL A 256 6.48 13.42 14.53
CA VAL A 256 6.54 13.03 15.95
C VAL A 256 6.12 14.20 16.84
N VAL A 257 6.61 15.39 16.52
CA VAL A 257 6.27 16.59 17.30
C VAL A 257 4.77 16.91 17.18
N GLU A 258 4.25 16.94 15.95
CA GLU A 258 2.84 17.31 15.76
C GLU A 258 1.91 16.29 16.41
N THR A 259 2.27 15.01 16.31
CA THR A 259 1.43 13.96 16.85
C THR A 259 1.44 14.04 18.38
N THR A 260 2.61 14.28 18.96
CA THR A 260 2.69 14.42 20.42
C THR A 260 1.89 15.63 20.88
N GLN A 261 2.00 16.73 20.15
CA GLN A 261 1.25 17.94 20.51
C GLN A 261 -0.27 17.71 20.47
N LYS A 262 -0.72 16.98 19.46
CA LYS A 262 -2.14 16.64 19.32
C LYS A 262 -2.64 15.91 20.57
N HIS A 263 -1.84 14.97 21.05
CA HIS A 263 -2.27 14.20 22.23
C HIS A 263 -2.09 14.96 23.53
N LEU A 264 -1.16 15.92 23.57
CA LEU A 264 -1.06 16.76 24.76
C LEU A 264 -2.27 17.67 24.88
N TRP A 265 -2.82 18.10 23.74
CA TRP A 265 -4.03 18.92 23.76
C TRP A 265 -5.22 18.09 24.22
N ASN A 266 -5.35 16.90 23.65
N ASN A 266 -5.34 16.90 23.66
CA ASN A 266 -6.45 16.00 23.98
CA ASN A 266 -6.45 15.99 23.97
C ASN A 266 -6.44 15.59 25.45
C ASN A 266 -6.43 15.56 25.44
N SER A 267 -5.26 15.58 26.06
CA SER A 267 -5.11 15.22 27.47
C SER A 267 -5.90 16.14 28.38
N ARG B 2 -13.39 -16.68 -31.38
CA ARG B 2 -13.76 -15.36 -30.87
C ARG B 2 -14.37 -14.46 -31.93
N THR B 3 -15.49 -13.83 -31.56
CA THR B 3 -16.11 -12.79 -32.37
C THR B 3 -15.32 -11.50 -32.26
N ARG B 4 -15.01 -10.89 -33.39
CA ARG B 4 -14.40 -9.55 -33.43
C ARG B 4 -15.21 -8.74 -34.43
N SER B 5 -15.90 -7.71 -33.94
CA SER B 5 -16.85 -7.02 -34.79
C SER B 5 -17.09 -5.60 -34.31
N THR B 6 -18.05 -4.92 -34.93
CA THR B 6 -18.44 -3.59 -34.48
C THR B 6 -19.95 -3.56 -34.29
N ILE B 7 -20.39 -2.64 -33.43
CA ILE B 7 -21.82 -2.44 -33.21
C ILE B 7 -22.07 -0.98 -32.84
N SER B 8 -23.11 -0.39 -33.43
CA SER B 8 -23.41 1.01 -33.17
C SER B 8 -24.58 1.14 -32.22
N THR B 9 -24.47 2.07 -31.27
CA THR B 9 -25.51 2.30 -30.29
C THR B 9 -26.16 3.65 -30.55
N PRO B 10 -27.42 3.82 -30.09
CA PRO B 10 -28.17 5.04 -30.45
C PRO B 10 -27.55 6.35 -29.95
N ASN B 11 -26.60 6.26 -29.03
CA ASN B 11 -25.89 7.45 -28.55
C ASN B 11 -24.76 7.87 -29.50
N GLY B 12 -24.69 7.24 -30.67
CA GLY B 12 -23.76 7.67 -31.69
C GLY B 12 -22.40 7.00 -31.70
N ILE B 13 -22.17 6.12 -30.73
CA ILE B 13 -20.91 5.38 -30.65
C ILE B 13 -20.92 4.14 -31.55
N THR B 14 -19.87 4.00 -32.37
CA THR B 14 -19.64 2.75 -33.06
C THR B 14 -18.54 2.02 -32.30
N TRP B 15 -18.95 0.96 -31.61
CA TRP B 15 -18.04 0.17 -30.77
C TRP B 15 -17.30 -0.90 -31.54
N TYR B 16 -16.02 -1.07 -31.27
CA TYR B 16 -15.34 -2.32 -31.58
C TYR B 16 -15.45 -3.23 -30.37
N TYR B 17 -15.92 -4.46 -30.55
CA TYR B 17 -16.06 -5.38 -29.43
C TYR B 17 -15.58 -6.78 -29.80
N GLU B 18 -15.28 -7.57 -28.77
CA GLU B 18 -14.91 -8.97 -28.96
C GLU B 18 -15.73 -9.81 -28.00
N GLN B 19 -15.98 -11.06 -28.36
CA GLN B 19 -16.77 -11.92 -27.51
C GLN B 19 -16.36 -13.36 -27.73
N GLU B 20 -16.23 -14.11 -26.64
CA GLU B 20 -15.82 -15.50 -26.76
C GLU B 20 -16.50 -16.30 -25.67
N GLY B 21 -16.99 -17.49 -26.01
CA GLY B 21 -17.49 -18.41 -25.01
C GLY B 21 -19.01 -18.43 -24.87
N THR B 22 -19.48 -19.39 -24.09
CA THR B 22 -20.90 -19.51 -23.75
C THR B 22 -21.02 -19.77 -22.27
N GLY B 23 -22.05 -19.20 -21.66
CA GLY B 23 -22.24 -19.34 -20.22
C GLY B 23 -22.60 -17.97 -19.66
N PRO B 24 -22.57 -17.84 -18.32
CA PRO B 24 -22.86 -16.55 -17.69
C PRO B 24 -21.97 -15.46 -18.25
N ASP B 25 -22.50 -14.25 -18.35
CA ASP B 25 -21.76 -13.16 -18.96
C ASP B 25 -20.75 -12.53 -18.00
N ILE B 26 -19.54 -12.33 -18.50
CA ILE B 26 -18.49 -11.59 -17.84
C ILE B 26 -18.04 -10.51 -18.80
N VAL B 27 -18.00 -9.27 -18.34
CA VAL B 27 -17.68 -8.14 -19.20
C VAL B 27 -16.41 -7.47 -18.67
N LEU B 28 -15.41 -7.32 -19.53
CA LEU B 28 -14.13 -6.70 -19.13
C LEU B 28 -14.06 -5.28 -19.67
N VAL B 29 -14.20 -4.31 -18.78
CA VAL B 29 -14.16 -2.90 -19.14
C VAL B 29 -12.73 -2.40 -19.08
N PRO B 30 -12.22 -1.82 -20.19
CA PRO B 30 -10.85 -1.33 -20.13
C PRO B 30 -10.63 -0.21 -19.13
N ASP B 31 -9.35 0.01 -18.85
CA ASP B 31 -8.89 1.19 -18.14
C ASP B 31 -9.04 2.43 -19.04
N GLY B 32 -8.56 3.58 -18.56
CA GLY B 32 -8.74 4.84 -19.27
C GLY B 32 -8.24 4.83 -20.71
N LEU B 33 -7.23 4.00 -20.99
CA LEU B 33 -6.65 3.96 -22.34
C LEU B 33 -7.58 3.26 -23.33
N GLY B 34 -8.58 2.54 -22.81
CA GLY B 34 -9.69 2.08 -23.62
C GLY B 34 -9.37 1.03 -24.67
N GLU B 35 -8.33 0.26 -24.40
CA GLU B 35 -7.76 -0.67 -25.37
C GLU B 35 -7.97 -2.14 -24.96
N CYS B 36 -8.88 -2.86 -25.62
CA CYS B 36 -9.28 -4.16 -25.10
C CYS B 36 -8.37 -5.32 -25.53
N GLN B 37 -7.38 -5.04 -26.38
N GLN B 37 -7.39 -5.04 -26.39
CA GLN B 37 -6.45 -6.10 -26.75
CA GLN B 37 -6.45 -6.11 -26.75
C GLN B 37 -5.58 -6.46 -25.56
C GLN B 37 -5.62 -6.48 -25.52
N MET B 38 -5.54 -5.58 -24.55
CA MET B 38 -4.88 -5.90 -23.29
C MET B 38 -5.49 -7.10 -22.59
N PHE B 39 -6.73 -7.45 -22.95
CA PHE B 39 -7.42 -8.58 -22.32
C PHE B 39 -7.32 -9.89 -23.11
N ASP B 40 -6.65 -9.85 -24.27
CA ASP B 40 -6.69 -10.94 -25.24
C ASP B 40 -6.42 -12.33 -24.64
N SER B 41 -5.31 -12.48 -23.93
CA SER B 41 -4.99 -13.77 -23.31
C SER B 41 -6.03 -14.18 -22.29
N SER B 42 -6.42 -13.23 -21.44
CA SER B 42 -7.33 -13.57 -20.36
C SER B 42 -8.74 -13.91 -20.86
N VAL B 43 -9.18 -13.28 -21.95
CA VAL B 43 -10.50 -13.56 -22.51
C VAL B 43 -10.65 -15.05 -22.82
N SER B 44 -9.64 -15.63 -23.45
CA SER B 44 -9.70 -17.05 -23.80
C SER B 44 -9.67 -17.92 -22.55
N GLN B 45 -8.83 -17.56 -21.58
CA GLN B 45 -8.71 -18.35 -20.36
C GLN B 45 -10.00 -18.32 -19.55
N ILE B 46 -10.63 -17.15 -19.48
CA ILE B 46 -11.88 -17.03 -18.74
C ILE B 46 -13.01 -17.77 -19.45
N ALA B 47 -13.12 -17.56 -20.76
CA ALA B 47 -14.18 -18.19 -21.55
C ALA B 47 -14.12 -19.72 -21.46
N ALA B 48 -12.92 -20.26 -21.41
CA ALA B 48 -12.73 -21.72 -21.37
C ALA B 48 -13.29 -22.35 -20.09
N GLN B 49 -13.52 -21.53 -19.07
CA GLN B 49 -14.10 -22.04 -17.83
C GLN B 49 -15.63 -21.99 -17.84
N GLY B 50 -16.23 -21.73 -19.01
CA GLY B 50 -17.67 -21.80 -19.16
C GLY B 50 -18.38 -20.48 -18.97
N PHE B 51 -17.81 -19.42 -19.51
CA PHE B 51 -18.39 -18.07 -19.45
C PHE B 51 -18.42 -17.46 -20.83
N ARG B 52 -19.41 -16.61 -21.08
CA ARG B 52 -19.37 -15.76 -22.26
C ARG B 52 -18.70 -14.46 -21.86
N VAL B 53 -17.56 -14.18 -22.48
CA VAL B 53 -16.74 -13.04 -22.10
C VAL B 53 -16.83 -11.98 -23.18
N THR B 54 -17.15 -10.76 -22.78
CA THR B 54 -17.28 -9.66 -23.75
C THR B 54 -16.35 -8.54 -23.35
N THR B 55 -15.70 -7.93 -24.34
CA THR B 55 -14.93 -6.73 -24.08
C THR B 55 -15.02 -5.81 -25.30
N PHE B 56 -14.49 -4.59 -25.18
CA PHE B 56 -14.65 -3.58 -26.23
C PHE B 56 -13.64 -2.47 -26.02
N ASP B 57 -13.30 -1.77 -27.09
CA ASP B 57 -12.54 -0.54 -26.96
C ASP B 57 -13.50 0.54 -26.45
N MET B 58 -13.00 1.47 -25.65
CA MET B 58 -13.86 2.50 -25.06
C MET B 58 -14.07 3.68 -26.03
N PRO B 59 -15.17 4.44 -25.84
CA PRO B 59 -15.50 5.48 -26.84
C PRO B 59 -14.41 6.52 -27.04
N GLY B 60 -14.09 6.77 -28.31
CA GLY B 60 -13.04 7.69 -28.66
C GLY B 60 -11.66 7.07 -28.69
N MET B 61 -11.56 5.83 -28.20
CA MET B 61 -10.26 5.16 -28.09
C MET B 61 -10.12 4.03 -29.08
N SER B 62 -8.90 3.83 -29.57
CA SER B 62 -8.57 2.70 -30.43
C SER B 62 -9.61 2.49 -31.52
N ARG B 63 -10.23 1.31 -31.56
CA ARG B 63 -11.11 1.00 -32.69
C ARG B 63 -12.57 1.42 -32.44
N SER B 64 -12.82 2.02 -31.27
CA SER B 64 -14.11 2.62 -30.97
C SER B 64 -14.04 4.14 -31.10
N ALA B 65 -13.17 4.63 -31.97
CA ALA B 65 -12.94 6.09 -32.02
C ALA B 65 -14.05 6.83 -32.76
N LYS B 66 -14.87 6.12 -33.53
CA LYS B 66 -16.02 6.78 -34.17
C LYS B 66 -17.12 6.99 -33.15
N ALA B 67 -17.09 8.16 -32.51
CA ALA B 67 -17.98 8.48 -31.42
C ALA B 67 -18.10 9.98 -31.29
N PRO B 68 -19.25 10.47 -30.78
CA PRO B 68 -19.43 11.90 -30.55
C PRO B 68 -18.45 12.44 -29.50
N ALA B 69 -18.07 13.71 -29.62
CA ALA B 69 -17.04 14.29 -28.74
C ALA B 69 -17.43 14.23 -27.27
N GLU B 70 -18.72 14.31 -26.98
N GLU B 70 -18.72 14.29 -26.98
CA GLU B 70 -19.20 14.26 -25.60
CA GLU B 70 -19.20 14.26 -25.60
C GLU B 70 -18.77 12.97 -24.89
C GLU B 70 -18.83 12.97 -24.88
N THR B 71 -18.63 11.89 -25.65
CA THR B 71 -18.32 10.58 -25.06
C THR B 71 -16.86 10.43 -24.67
N TYR B 72 -15.99 11.33 -25.12
CA TYR B 72 -14.58 11.26 -24.70
C TYR B 72 -14.01 12.60 -24.22
N THR B 73 -14.90 13.53 -23.88
CA THR B 73 -14.54 14.77 -23.21
C THR B 73 -15.36 14.92 -21.93
N GLU B 74 -14.80 15.59 -20.94
CA GLU B 74 -15.43 15.75 -19.63
C GLU B 74 -16.01 14.42 -19.15
N VAL B 75 -15.19 13.38 -19.22
CA VAL B 75 -15.64 12.03 -18.95
C VAL B 75 -15.78 11.77 -17.45
N THR B 76 -16.88 11.12 -17.06
CA THR B 76 -17.11 10.76 -15.67
C THR B 76 -17.48 9.29 -15.58
N ALA B 77 -17.41 8.73 -14.37
CA ALA B 77 -17.81 7.34 -14.15
C ALA B 77 -19.25 7.09 -14.62
N GLN B 78 -20.11 8.08 -14.37
CA GLN B 78 -21.54 7.95 -14.66
C GLN B 78 -21.78 7.99 -16.16
N LYS B 79 -21.04 8.83 -16.88
CA LYS B 79 -21.11 8.82 -18.34
C LYS B 79 -20.65 7.46 -18.91
N LEU B 80 -19.49 7.00 -18.49
CA LEU B 80 -18.99 5.71 -18.97
C LEU B 80 -19.95 4.57 -18.64
N ALA B 81 -20.55 4.58 -17.45
CA ALA B 81 -21.50 3.54 -17.09
C ALA B 81 -22.69 3.54 -18.05
N SER B 82 -23.19 4.73 -18.38
CA SER B 82 -24.31 4.81 -19.33
C SER B 82 -23.91 4.23 -20.69
N TYR B 83 -22.66 4.47 -21.11
CA TYR B 83 -22.20 3.96 -22.41
C TYR B 83 -22.07 2.44 -22.36
N VAL B 84 -21.52 1.92 -21.28
CA VAL B 84 -21.37 0.47 -21.18
C VAL B 84 -22.75 -0.20 -21.16
N ILE B 85 -23.72 0.39 -20.46
CA ILE B 85 -25.08 -0.17 -20.49
C ILE B 85 -25.61 -0.19 -21.92
N SER B 86 -25.27 0.84 -22.70
CA SER B 86 -25.79 0.93 -24.07
C SER B 86 -25.28 -0.22 -24.93
N ILE B 87 -24.01 -0.62 -24.76
CA ILE B 87 -23.53 -1.72 -25.61
C ILE B 87 -23.99 -3.07 -25.06
N LEU B 88 -24.18 -3.18 -23.74
CA LEU B 88 -24.75 -4.40 -23.19
C LEU B 88 -26.17 -4.59 -23.71
N ASP B 89 -26.93 -3.49 -23.81
CA ASP B 89 -28.26 -3.55 -24.40
C ASP B 89 -28.20 -4.01 -25.85
N ALA B 90 -27.26 -3.45 -26.61
CA ALA B 90 -27.13 -3.75 -28.03
C ALA B 90 -26.76 -5.21 -28.26
N LEU B 91 -25.98 -5.77 -27.34
CA LEU B 91 -25.52 -7.16 -27.44
C LEU B 91 -26.44 -8.13 -26.70
N ASP B 92 -27.56 -7.60 -26.21
CA ASP B 92 -28.55 -8.38 -25.47
C ASP B 92 -27.94 -9.14 -24.29
N ILE B 93 -27.10 -8.45 -23.53
CA ILE B 93 -26.52 -8.96 -22.30
C ILE B 93 -27.32 -8.41 -21.11
N LYS B 94 -28.18 -9.24 -20.53
CA LYS B 94 -29.13 -8.77 -19.52
C LYS B 94 -28.52 -8.73 -18.11
N HIS B 95 -27.72 -9.73 -17.81
N HIS B 95 -27.66 -9.70 -17.81
CA HIS B 95 -27.07 -9.81 -16.52
CA HIS B 95 -27.10 -9.82 -16.46
C HIS B 95 -25.59 -10.02 -16.77
C HIS B 95 -25.61 -10.19 -16.51
N ALA B 96 -24.75 -9.27 -16.08
CA ALA B 96 -23.31 -9.45 -16.27
C ALA B 96 -22.48 -9.26 -15.01
N THR B 97 -21.43 -10.05 -14.92
CA THR B 97 -20.32 -9.77 -14.02
C THR B 97 -19.43 -8.77 -14.74
N VAL B 98 -18.93 -7.75 -14.04
CA VAL B 98 -18.09 -6.76 -14.70
C VAL B 98 -16.78 -6.56 -13.96
N TRP B 99 -15.72 -6.33 -14.74
CA TRP B 99 -14.39 -5.99 -14.24
C TRP B 99 -14.02 -4.62 -14.76
N GLY B 100 -13.34 -3.82 -13.94
CA GLY B 100 -12.78 -2.57 -14.44
C GLY B 100 -11.64 -2.06 -13.57
N CYS B 101 -10.64 -1.50 -14.23
CA CYS B 101 -9.51 -0.86 -13.58
C CYS B 101 -9.48 0.65 -13.88
N SER B 102 -9.08 1.45 -12.91
CA SER B 102 -8.87 2.90 -13.10
C SER B 102 -10.21 3.57 -13.40
N SER B 103 -10.31 4.37 -14.48
CA SER B 103 -11.64 4.89 -14.86
C SER B 103 -12.65 3.75 -15.08
N GLY B 104 -12.15 2.58 -15.46
CA GLY B 104 -12.98 1.40 -15.61
C GLY B 104 -13.49 0.90 -14.26
N ALA B 105 -12.67 1.08 -13.22
CA ALA B 105 -13.11 0.74 -11.87
C ALA B 105 -14.23 1.67 -11.43
N SER B 106 -14.06 2.96 -11.68
CA SER B 106 -15.10 3.93 -11.34
C SER B 106 -16.39 3.54 -12.06
N THR B 107 -16.22 3.18 -13.32
CA THR B 107 -17.32 2.78 -14.18
C THR B 107 -18.08 1.57 -13.63
N VAL B 108 -17.38 0.51 -13.24
CA VAL B 108 -18.12 -0.67 -12.80
C VAL B 108 -18.79 -0.47 -11.44
N VAL B 109 -18.23 0.36 -10.57
CA VAL B 109 -18.95 0.67 -9.32
C VAL B 109 -20.19 1.50 -9.62
N ALA B 110 -20.07 2.46 -10.53
CA ALA B 110 -21.26 3.23 -10.96
C ALA B 110 -22.31 2.31 -11.59
N LEU B 111 -21.86 1.32 -12.37
CA LEU B 111 -22.76 0.34 -12.96
C LEU B 111 -23.53 -0.44 -11.90
N LEU B 112 -22.79 -0.95 -10.92
CA LEU B 112 -23.38 -1.78 -9.88
C LEU B 112 -24.40 -0.98 -9.07
N LEU B 113 -24.05 0.25 -8.74
CA LEU B 113 -24.94 1.08 -7.94
C LEU B 113 -26.13 1.58 -8.74
N GLY B 114 -25.90 1.93 -10.00
CA GLY B 114 -26.93 2.56 -10.80
C GLY B 114 -27.84 1.59 -11.53
N TYR B 115 -27.34 0.39 -11.79
CA TYR B 115 -28.10 -0.62 -12.52
C TYR B 115 -28.01 -1.97 -11.82
N PRO B 116 -28.51 -2.06 -10.57
CA PRO B 116 -28.32 -3.28 -9.78
C PRO B 116 -28.99 -4.51 -10.39
N ASP B 117 -30.04 -4.32 -11.17
CA ASP B 117 -30.71 -5.45 -11.83
C ASP B 117 -29.88 -6.05 -12.97
N ARG B 118 -28.88 -5.31 -13.44
CA ARG B 118 -28.10 -5.71 -14.59
C ARG B 118 -26.75 -6.30 -14.22
N ILE B 119 -26.30 -6.02 -13.00
CA ILE B 119 -24.94 -6.36 -12.59
C ILE B 119 -24.93 -7.42 -11.49
N ARG B 120 -24.41 -8.59 -11.82
CA ARG B 120 -24.30 -9.69 -10.87
C ARG B 120 -23.34 -9.36 -9.75
N ASN B 121 -22.19 -8.82 -10.14
CA ASN B 121 -21.13 -8.45 -9.21
C ASN B 121 -20.08 -7.66 -9.98
N ALA B 122 -19.35 -6.82 -9.27
CA ALA B 122 -18.33 -5.97 -9.90
C ALA B 122 -16.99 -6.19 -9.23
N MET B 123 -15.95 -6.28 -10.05
CA MET B 123 -14.57 -6.27 -9.60
C MET B 123 -13.93 -4.96 -9.98
N CYS B 124 -13.52 -4.16 -8.99
CA CYS B 124 -12.85 -2.88 -9.28
C CYS B 124 -11.40 -2.93 -8.82
N HIS B 125 -10.53 -2.33 -9.63
CA HIS B 125 -9.09 -2.33 -9.38
C HIS B 125 -8.55 -0.92 -9.48
N GLU B 126 -7.87 -0.45 -8.42
CA GLU B 126 -7.16 0.83 -8.44
C GLU B 126 -8.02 1.96 -9.01
N LEU B 127 -9.01 2.34 -8.21
CA LEU B 127 -10.00 3.34 -8.59
C LEU B 127 -9.52 4.74 -8.19
N PRO B 128 -9.36 5.64 -9.16
CA PRO B 128 -8.80 6.95 -8.82
C PRO B 128 -9.82 7.89 -8.16
N THR B 129 -9.50 8.37 -6.97
CA THR B 129 -10.42 9.28 -6.27
C THR B 129 -9.84 10.66 -6.04
N LYS B 130 -8.57 10.83 -6.37
CA LYS B 130 -7.91 12.11 -6.11
C LYS B 130 -7.39 12.73 -7.39
N LEU B 131 -7.57 14.04 -7.52
CA LEU B 131 -6.99 14.78 -8.64
C LEU B 131 -5.47 14.78 -8.54
N LEU B 132 -4.81 14.49 -9.64
CA LEU B 132 -3.35 14.51 -9.67
C LEU B 132 -2.93 15.54 -10.69
N ASP B 133 -2.40 16.66 -10.19
CA ASP B 133 -2.07 17.78 -11.05
C ASP B 133 -1.08 17.40 -12.16
N HIS B 134 -0.13 16.53 -11.86
CA HIS B 134 0.88 16.20 -12.87
C HIS B 134 0.25 15.48 -14.07
N LEU B 135 -0.84 14.76 -13.84
CA LEU B 135 -1.56 14.15 -14.95
C LEU B 135 -2.49 15.16 -15.62
N SER B 136 -3.27 15.89 -14.82
CA SER B 136 -4.19 16.88 -15.36
C SER B 136 -3.47 17.90 -16.24
N ASN B 137 -2.25 18.27 -15.84
CA ASN B 137 -1.50 19.30 -16.56
C ASN B 137 -1.03 18.87 -17.95
N THR B 138 -1.04 17.57 -18.25
CA THR B 138 -0.64 17.14 -19.59
C THR B 138 -1.66 17.57 -20.65
N ALA B 139 -2.89 17.87 -20.21
CA ALA B 139 -3.98 18.17 -21.13
C ALA B 139 -3.76 19.40 -22.02
N VAL B 140 -2.82 20.27 -21.64
CA VAL B 140 -2.60 21.49 -22.42
C VAL B 140 -1.35 21.41 -23.29
N LEU B 141 -0.71 20.25 -23.31
CA LEU B 141 0.47 20.03 -24.14
C LEU B 141 0.07 19.66 -25.56
N GLU B 142 1.02 19.67 -26.49
CA GLU B 142 0.76 19.21 -27.85
C GLU B 142 0.57 17.69 -27.87
N ASP B 143 -0.19 17.19 -28.85
CA ASP B 143 -0.51 15.75 -28.95
C ASP B 143 0.73 14.86 -28.81
N GLU B 144 1.77 15.16 -29.58
N GLU B 144 1.75 15.16 -29.62
CA GLU B 144 2.94 14.27 -29.58
CA GLU B 144 2.99 14.38 -29.64
C GLU B 144 3.72 14.35 -28.29
C GLU B 144 3.65 14.35 -28.27
N GLU B 145 3.68 15.50 -27.60
CA GLU B 145 4.29 15.61 -26.28
C GLU B 145 3.56 14.74 -25.28
N ILE B 146 2.23 14.78 -25.33
CA ILE B 146 1.44 13.97 -24.42
C ILE B 146 1.73 12.48 -24.62
N SER B 147 1.74 12.04 -25.87
CA SER B 147 1.91 10.62 -26.17
C SER B 147 3.29 10.13 -25.71
N ASN B 148 4.31 10.96 -25.93
CA ASN B 148 5.65 10.62 -25.48
C ASN B 148 5.74 10.52 -23.96
N ILE B 149 5.20 11.50 -23.25
CA ILE B 149 5.24 11.51 -21.79
C ILE B 149 4.46 10.36 -21.18
N LEU B 150 3.24 10.15 -21.65
CA LEU B 150 2.40 9.13 -21.03
C LEU B 150 2.85 7.72 -21.43
N ALA B 151 3.39 7.55 -22.63
CA ALA B 151 3.95 6.24 -23.01
C ALA B 151 5.02 5.84 -22.02
N ASN B 152 5.84 6.83 -21.66
CA ASN B 152 6.91 6.63 -20.69
C ASN B 152 6.39 6.32 -19.29
N VAL B 153 5.37 7.05 -18.86
CA VAL B 153 4.76 6.82 -17.56
C VAL B 153 4.16 5.41 -17.48
N MET B 154 3.44 5.01 -18.54
CA MET B 154 2.84 3.68 -18.53
C MET B 154 3.93 2.62 -18.36
N LEU B 155 4.96 2.69 -19.19
CA LEU B 155 5.99 1.66 -19.20
C LEU B 155 6.74 1.63 -17.87
N ASN B 156 7.18 2.79 -17.40
CA ASN B 156 8.12 2.83 -16.29
C ASN B 156 7.50 2.97 -14.90
N ASP B 157 6.30 3.53 -14.82
CA ASP B 157 5.73 3.81 -13.51
C ASP B 157 4.60 2.86 -13.10
N VAL B 158 3.78 2.41 -14.03
CA VAL B 158 2.57 1.70 -13.61
C VAL B 158 2.24 0.39 -14.33
N SER B 159 3.04 -0.01 -15.31
CA SER B 159 2.75 -1.24 -16.06
C SER B 159 2.75 -2.48 -15.18
N GLY B 160 3.61 -2.47 -14.16
CA GLY B 160 3.77 -3.63 -13.29
C GLY B 160 4.50 -4.79 -13.96
N GLY B 161 5.11 -4.51 -15.10
CA GLY B 161 5.80 -5.55 -15.84
C GLY B 161 6.22 -5.04 -17.21
N SER B 162 7.45 -4.56 -17.31
CA SER B 162 7.89 -3.87 -18.51
C SER B 162 7.96 -4.80 -19.70
N GLU B 163 8.39 -6.05 -19.49
CA GLU B 163 8.49 -6.98 -20.62
C GLU B 163 7.10 -7.25 -21.20
N ALA B 164 6.13 -7.54 -20.34
CA ALA B 164 4.77 -7.84 -20.79
C ALA B 164 4.16 -6.62 -21.47
N TRP B 165 4.44 -5.44 -20.93
CA TRP B 165 3.88 -4.21 -21.48
C TRP B 165 4.39 -3.98 -22.90
N GLN B 166 5.70 -4.08 -23.06
CA GLN B 166 6.30 -3.92 -24.39
C GLN B 166 5.83 -5.00 -25.36
N ALA B 167 5.60 -6.20 -24.84
CA ALA B 167 5.20 -7.31 -25.68
C ALA B 167 3.75 -7.22 -26.16
N LEU B 168 3.01 -6.21 -25.71
CA LEU B 168 1.73 -5.91 -26.33
C LEU B 168 1.92 -5.68 -27.83
N GLY B 169 3.08 -5.15 -28.20
CA GLY B 169 3.44 -5.09 -29.61
C GLY B 169 3.13 -3.79 -30.32
N VAL B 170 3.70 -3.65 -31.51
CA VAL B 170 3.64 -2.39 -32.24
C VAL B 170 2.19 -1.95 -32.60
N GLU B 171 1.33 -2.90 -32.97
N GLU B 171 1.34 -2.90 -32.98
CA GLU B 171 -0.02 -2.52 -33.37
CA GLU B 171 -0.03 -2.55 -33.36
C GLU B 171 -0.81 -1.95 -32.19
C GLU B 171 -0.79 -1.95 -32.18
N VAL B 172 -0.68 -2.58 -31.03
CA VAL B 172 -1.37 -2.09 -29.82
C VAL B 172 -0.77 -0.76 -29.39
N HIS B 173 0.55 -0.66 -29.36
CA HIS B 173 1.16 0.58 -28.89
C HIS B 173 0.93 1.74 -29.85
N ALA B 174 0.75 1.46 -31.14
CA ALA B 174 0.40 2.52 -32.07
C ALA B 174 -0.99 3.07 -31.77
N ARG B 175 -1.92 2.20 -31.38
CA ARG B 175 -3.25 2.66 -31.00
C ARG B 175 -3.18 3.45 -29.69
N LEU B 176 -2.40 2.95 -28.72
CA LEU B 176 -2.26 3.63 -27.44
C LEU B 176 -1.68 5.02 -27.64
N HIS B 177 -0.71 5.13 -28.55
CA HIS B 177 -0.06 6.39 -28.85
C HIS B 177 -1.10 7.45 -29.26
N LYS B 178 -2.08 7.03 -30.05
CA LYS B 178 -3.14 7.91 -30.50
C LYS B 178 -4.12 8.23 -29.38
N ASN B 179 -4.31 7.27 -28.47
CA ASN B 179 -5.24 7.43 -27.37
C ASN B 179 -4.76 8.38 -26.27
N TYR B 180 -3.45 8.47 -26.05
CA TYR B 180 -2.97 9.23 -24.89
C TYR B 180 -3.50 10.68 -24.84
N PRO B 181 -3.47 11.41 -25.97
CA PRO B 181 -4.02 12.77 -25.88
C PRO B 181 -5.53 12.79 -25.67
N VAL B 182 -6.24 11.80 -26.21
CA VAL B 182 -7.69 11.73 -25.99
C VAL B 182 -7.96 11.54 -24.50
N TRP B 183 -7.27 10.59 -23.89
CA TRP B 183 -7.38 10.36 -22.45
C TRP B 183 -7.01 11.62 -21.67
N ALA B 184 -5.87 12.22 -22.01
CA ALA B 184 -5.35 13.34 -21.23
C ALA B 184 -6.33 14.51 -21.19
N ARG B 185 -6.95 14.81 -22.33
N ARG B 185 -6.93 14.82 -22.34
CA ARG B 185 -7.82 15.97 -22.43
CA ARG B 185 -7.81 15.96 -22.43
C ARG B 185 -9.28 15.66 -22.12
C ARG B 185 -9.19 15.67 -21.83
N GLY B 186 -9.57 14.40 -21.78
CA GLY B 186 -10.92 14.02 -21.44
C GLY B 186 -11.16 13.45 -20.06
N TYR B 187 -10.12 12.92 -19.43
CA TYR B 187 -10.30 12.07 -18.23
C TYR B 187 -9.78 12.64 -16.89
N PRO B 188 -8.48 13.01 -16.81
CA PRO B 188 -7.92 13.19 -15.46
C PRO B 188 -8.53 14.33 -14.64
N ARG B 189 -9.11 15.34 -15.28
CA ARG B 189 -9.70 16.45 -14.56
C ARG B 189 -11.12 16.15 -14.06
N THR B 190 -11.80 15.18 -14.68
CA THR B 190 -13.20 14.93 -14.35
C THR B 190 -13.47 13.52 -13.79
N ILE B 191 -12.59 12.56 -14.07
CA ILE B 191 -12.82 11.20 -13.55
C ILE B 191 -12.72 11.10 -12.02
N PRO B 192 -11.63 11.63 -11.41
CA PRO B 192 -11.55 11.41 -9.96
C PRO B 192 -12.69 12.04 -9.12
N PRO B 193 -13.14 13.27 -9.41
CA PRO B 193 -14.28 13.79 -8.62
C PRO B 193 -15.57 13.01 -8.82
N SER B 194 -15.67 12.22 -9.89
CA SER B 194 -16.89 11.46 -10.14
C SER B 194 -16.87 10.11 -9.42
N ALA B 195 -15.81 9.82 -8.65
CA ALA B 195 -15.68 8.50 -8.02
C ALA B 195 -16.91 8.19 -7.15
N PRO B 196 -17.58 7.06 -7.42
CA PRO B 196 -18.83 6.73 -6.73
C PRO B 196 -18.59 6.10 -5.36
N VAL B 197 -17.68 6.68 -4.59
CA VAL B 197 -17.31 6.15 -3.28
C VAL B 197 -17.42 7.18 -2.15
N GLN B 198 -18.13 8.27 -2.41
N GLN B 198 -18.13 8.28 -2.39
CA GLN B 198 -18.36 9.29 -1.39
CA GLN B 198 -18.30 9.28 -1.34
C GLN B 198 -19.28 8.76 -0.30
C GLN B 198 -19.28 8.75 -0.28
N ASP B 199 -20.19 7.89 -0.71
CA ASP B 199 -21.17 7.30 0.20
C ASP B 199 -20.74 5.88 0.56
N VAL B 200 -20.02 5.75 1.68
CA VAL B 200 -19.54 4.44 2.13
C VAL B 200 -20.71 3.50 2.41
N GLU B 201 -21.79 4.02 2.98
CA GLU B 201 -22.92 3.17 3.33
C GLU B 201 -23.64 2.61 2.09
N ALA B 202 -23.53 3.31 0.96
CA ALA B 202 -24.10 2.79 -0.28
C ALA B 202 -23.35 1.56 -0.79
N LEU B 203 -22.08 1.43 -0.41
CA LEU B 203 -21.25 0.30 -0.83
C LEU B 203 -21.48 -0.93 0.05
N ARG B 204 -21.93 -0.71 1.28
CA ARG B 204 -22.00 -1.81 2.24
C ARG B 204 -22.98 -2.88 1.78
N GLY B 205 -22.55 -4.13 1.84
CA GLY B 205 -23.41 -5.25 1.49
C GLY B 205 -23.51 -5.51 0.00
N LYS B 206 -22.86 -4.67 -0.81
CA LYS B 206 -22.94 -4.82 -2.27
C LYS B 206 -21.97 -5.88 -2.77
N PRO B 207 -22.30 -6.55 -3.89
CA PRO B 207 -21.45 -7.60 -4.48
C PRO B 207 -20.27 -7.00 -5.24
N LEU B 208 -19.34 -6.46 -4.45
CA LEU B 208 -18.19 -5.73 -4.94
C LEU B 208 -16.93 -6.38 -4.41
N ASP B 209 -15.97 -6.64 -5.29
CA ASP B 209 -14.67 -7.13 -4.86
C ASP B 209 -13.60 -6.19 -5.36
N TRP B 210 -12.79 -5.68 -4.45
CA TRP B 210 -11.89 -4.57 -4.74
C TRP B 210 -10.43 -5.05 -4.68
N THR B 211 -9.61 -4.65 -5.64
CA THR B 211 -8.18 -4.99 -5.61
C THR B 211 -7.29 -3.79 -5.87
N VAL B 212 -6.05 -3.93 -5.39
CA VAL B 212 -4.97 -3.00 -5.64
C VAL B 212 -3.75 -3.85 -6.05
N GLY B 213 -2.84 -3.29 -6.84
CA GLY B 213 -1.64 -4.03 -7.22
C GLY B 213 -0.69 -4.23 -6.05
N ALA B 214 -0.16 -5.44 -5.93
CA ALA B 214 0.77 -5.78 -4.85
C ALA B 214 2.03 -4.93 -4.87
N ALA B 215 2.51 -4.58 -6.07
CA ALA B 215 3.76 -3.83 -6.18
C ALA B 215 3.53 -2.33 -6.28
N THR B 216 2.28 -1.92 -6.43
CA THR B 216 1.95 -0.50 -6.47
C THR B 216 2.43 0.19 -5.19
N PRO B 217 3.09 1.36 -5.32
CA PRO B 217 3.46 2.12 -4.10
C PRO B 217 2.25 2.34 -3.22
N THR B 218 2.41 2.12 -1.92
CA THR B 218 1.28 2.21 -1.00
C THR B 218 0.48 3.51 -1.18
N GLU B 219 1.16 4.62 -1.41
CA GLU B 219 0.43 5.88 -1.47
C GLU B 219 -0.56 5.97 -2.65
N SER B 220 -0.31 5.26 -3.74
CA SER B 220 -1.12 5.46 -4.96
C SER B 220 -2.60 5.14 -4.73
N PHE B 221 -2.90 4.01 -4.09
CA PHE B 221 -4.30 3.66 -3.86
C PHE B 221 -4.56 3.26 -2.41
N PHE B 222 -3.78 3.85 -1.52
CA PHE B 222 -4.03 3.81 -0.08
C PHE B 222 -5.50 4.08 0.24
N ASP B 223 -6.06 5.10 -0.40
CA ASP B 223 -7.42 5.51 -0.12
C ASP B 223 -8.43 4.40 -0.47
N ASN B 224 -8.13 3.60 -1.49
CA ASN B 224 -8.99 2.48 -1.88
C ASN B 224 -9.11 1.47 -0.73
N ILE B 225 -7.99 1.17 -0.10
CA ILE B 225 -7.95 0.16 0.95
C ILE B 225 -8.74 0.63 2.16
N VAL B 226 -8.56 1.90 2.51
CA VAL B 226 -9.31 2.48 3.61
C VAL B 226 -10.80 2.47 3.31
N THR B 227 -11.18 2.98 2.13
CA THR B 227 -12.60 3.05 1.78
C THR B 227 -13.26 1.67 1.74
N ALA B 228 -12.60 0.70 1.10
CA ALA B 228 -13.16 -0.65 1.05
C ALA B 228 -13.36 -1.23 2.44
N THR B 229 -12.36 -1.06 3.30
CA THR B 229 -12.46 -1.60 4.65
C THR B 229 -13.58 -0.93 5.46
N LYS B 230 -13.71 0.39 5.33
CA LYS B 230 -14.82 1.10 5.98
C LYS B 230 -16.19 0.55 5.56
N ALA B 231 -16.31 0.18 4.29
CA ALA B 231 -17.57 -0.28 3.73
C ALA B 231 -17.78 -1.78 3.92
N GLY B 232 -16.79 -2.46 4.48
CA GLY B 232 -16.85 -3.90 4.69
C GLY B 232 -16.76 -4.70 3.39
N VAL B 233 -16.29 -4.04 2.34
CA VAL B 233 -16.13 -4.63 1.01
C VAL B 233 -14.86 -5.48 0.95
N ASN B 234 -14.93 -6.65 0.32
N ASN B 234 -14.93 -6.65 0.32
CA ASN B 234 -13.75 -7.48 0.11
CA ASN B 234 -13.74 -7.48 0.14
C ASN B 234 -12.65 -6.69 -0.59
C ASN B 234 -12.66 -6.70 -0.57
N ILE B 235 -11.47 -6.66 0.03
CA ILE B 235 -10.34 -5.92 -0.53
C ILE B 235 -9.11 -6.80 -0.49
N GLY B 236 -8.39 -6.86 -1.60
CA GLY B 236 -7.25 -7.75 -1.69
C GLY B 236 -6.27 -7.26 -2.74
N LEU B 237 -5.31 -8.12 -3.06
CA LEU B 237 -4.24 -7.71 -3.98
C LEU B 237 -4.14 -8.65 -5.17
N LEU B 238 -3.75 -8.08 -6.31
CA LEU B 238 -3.33 -8.85 -7.46
C LEU B 238 -1.84 -8.57 -7.69
N PRO B 239 -1.12 -9.52 -8.32
CA PRO B 239 0.29 -9.25 -8.61
C PRO B 239 0.44 -8.07 -9.57
N GLY B 240 1.59 -7.41 -9.53
CA GLY B 240 1.85 -6.32 -10.46
C GLY B 240 1.36 -4.98 -9.95
N MET B 241 0.95 -4.12 -10.88
CA MET B 241 0.53 -2.77 -10.50
C MET B 241 -0.82 -2.44 -11.14
N HIS B 242 -0.83 -1.57 -12.14
CA HIS B 242 -2.09 -1.03 -12.65
C HIS B 242 -2.74 -1.90 -13.74
N PHE B 243 -1.99 -2.83 -14.30
CA PHE B 243 -2.49 -3.61 -15.43
C PHE B 243 -2.30 -5.11 -15.22
N PRO B 244 -2.97 -5.70 -14.22
CA PRO B 244 -2.72 -7.12 -13.94
C PRO B 244 -3.09 -8.03 -15.11
N TYR B 245 -4.04 -7.59 -15.94
CA TYR B 245 -4.42 -8.40 -17.10
C TYR B 245 -3.32 -8.44 -18.15
N VAL B 246 -2.43 -7.46 -18.11
CA VAL B 246 -1.25 -7.48 -19.00
C VAL B 246 -0.05 -8.17 -18.32
N SER B 247 0.26 -7.75 -17.10
CA SER B 247 1.47 -8.27 -16.44
C SER B 247 1.34 -9.72 -16.01
N HIS B 248 0.13 -10.12 -15.61
CA HIS B 248 -0.10 -11.45 -15.04
C HIS B 248 -1.43 -12.02 -15.51
N PRO B 249 -1.55 -12.28 -16.82
CA PRO B 249 -2.86 -12.61 -17.40
C PRO B 249 -3.48 -13.89 -16.84
N ASP B 250 -2.66 -14.88 -16.49
CA ASP B 250 -3.18 -16.14 -15.96
C ASP B 250 -3.76 -15.95 -14.56
N VAL B 251 -3.03 -15.23 -13.72
CA VAL B 251 -3.49 -14.94 -12.37
C VAL B 251 -4.74 -14.06 -12.43
N PHE B 252 -4.71 -13.06 -13.32
CA PHE B 252 -5.89 -12.23 -13.55
C PHE B 252 -7.10 -13.07 -13.95
N ALA B 253 -6.92 -13.94 -14.92
CA ALA B 253 -8.03 -14.79 -15.39
C ALA B 253 -8.57 -15.64 -14.24
N LYS B 254 -7.67 -16.23 -13.45
CA LYS B 254 -8.06 -17.10 -12.33
C LYS B 254 -8.90 -16.32 -11.32
N TYR B 255 -8.48 -15.09 -11.04
CA TYR B 255 -9.20 -14.22 -10.12
C TYR B 255 -10.61 -13.91 -10.63
N VAL B 256 -10.71 -13.54 -11.91
CA VAL B 256 -12.02 -13.21 -12.48
C VAL B 256 -12.93 -14.44 -12.44
N VAL B 257 -12.40 -15.58 -12.81
CA VAL B 257 -13.20 -16.81 -12.80
C VAL B 257 -13.63 -17.16 -11.35
N GLU B 258 -12.68 -17.18 -10.43
CA GLU B 258 -13.01 -17.57 -9.06
C GLU B 258 -14.01 -16.60 -8.42
N THR B 259 -13.83 -15.31 -8.69
CA THR B 259 -14.72 -14.31 -8.12
C THR B 259 -16.13 -14.43 -8.70
N THR B 260 -16.23 -14.69 -10.00
CA THR B 260 -17.55 -14.86 -10.62
C THR B 260 -18.21 -16.10 -10.06
N GLN B 261 -17.43 -17.17 -9.90
CA GLN B 261 -18.00 -18.42 -9.36
C GLN B 261 -18.52 -18.22 -7.94
N LYS B 262 -17.81 -17.43 -7.15
CA LYS B 262 -18.21 -17.13 -5.77
C LYS B 262 -19.59 -16.49 -5.77
N HIS B 263 -19.80 -15.53 -6.67
CA HIS B 263 -21.09 -14.84 -6.68
C HIS B 263 -22.18 -15.65 -7.35
N LEU B 264 -21.82 -16.55 -8.27
CA LEU B 264 -22.85 -17.42 -8.84
C LEU B 264 -23.38 -18.36 -7.76
N TRP B 265 -22.51 -18.75 -6.84
CA TRP B 265 -22.94 -19.59 -5.71
C TRP B 265 -23.85 -18.82 -4.77
N ASN B 266 -23.42 -17.62 -4.40
CA ASN B 266 -24.19 -16.78 -3.49
C ASN B 266 -25.54 -16.38 -4.06
N SER B 267 -25.62 -16.23 -5.38
CA SER B 267 -26.88 -15.90 -6.05
C SER B 267 -27.91 -17.02 -5.88
N SER B 268 -27.42 -18.26 -5.85
CA SER B 268 -28.29 -19.42 -5.74
C SER B 268 -28.49 -19.84 -4.28
C1 ZFR C . 10.57 -8.28 11.11
C2 ZFR C . 10.30 -9.57 11.54
C3 ZFR C . 9.71 -10.54 10.74
C4 ZFR C . 9.36 -10.25 9.45
C5 ZFR C . 9.60 -8.97 8.98
C6 ZFR C . 10.19 -8.02 9.80
C10 ZFR C . 13.75 -4.51 10.60
C11 ZFR C . 14.51 -3.24 10.29
O6P ZFR C . 13.80 -4.65 7.45
C6P ZFR C . 13.64 -5.84 7.35
C7P ZFR C . 14.35 -6.77 8.31
C8P ZFR C . 15.31 -6.00 9.22
C9P ZFR C . 14.71 -5.69 10.60
O10 ZFR C . 13.12 -4.36 11.88
C5P ZFR C . 12.74 -6.41 6.26
C4P ZFR C . 11.52 -5.50 5.98
C3P ZFR C . 10.60 -5.27 7.17
C2P ZFR C . 10.37 -6.59 7.88
C1P ZFR C . 10.43 -6.68 9.21
O4 ZFR C . 8.77 -11.19 8.66
O2 ZFR C . 10.64 -9.92 12.80
C1 GOL D . 5.73 -7.76 6.84
O1 GOL D . 5.69 -7.45 5.46
C2 GOL D . 4.72 -8.87 7.13
O2 GOL D . 4.96 -9.38 8.43
C3 GOL D . 3.28 -8.38 6.99
O3 GOL D . 2.90 -7.54 8.06
K K E . 13.36 15.31 5.51
C1 ZFR F . -7.16 8.51 -13.99
C2 ZFR F . -7.66 9.81 -13.94
C3 ZFR F . -7.11 10.80 -13.16
C4 ZFR F . -6.02 10.55 -12.37
C5 ZFR F . -5.48 9.27 -12.38
C6 ZFR F . -6.06 8.29 -13.17
C10 ZFR F . -5.32 4.78 -16.83
C11 ZFR F . -4.65 3.55 -17.39
O6P ZFR F . -2.36 5.05 -15.71
C6P ZFR F . -2.41 6.24 -15.49
C7P ZFR F . -3.08 7.16 -16.48
C8P ZFR F . -3.52 6.37 -17.72
C9P ZFR F . -5.00 6.00 -17.70
O10 ZFR F . -6.73 4.56 -16.79
C5P ZFR F . -1.81 6.82 -14.23
C4P ZFR F . -1.97 5.84 -13.05
C3P ZFR F . -3.41 5.61 -12.63
C2P ZFR F . -4.17 6.90 -12.71
C1P ZFR F . -5.43 6.96 -13.14
O4 ZFR F . -5.48 11.54 -11.60
O2 ZFR F . -8.72 10.13 -14.70
C1 GOL G . -4.81 7.79 -7.81
O1 GOL G . -3.47 7.65 -7.38
C2 GOL G . -5.49 8.88 -7.00
O2 GOL G . -6.58 9.36 -7.76
C3 GOL G . -5.97 8.35 -5.66
O3 GOL G . -7.01 7.41 -5.83
K K H . 0.28 -14.87 -15.02
#